data_3NMQ
#
_entry.id   3NMQ
#
_cell.length_a   66.515
_cell.length_b   90.048
_cell.length_c   95.182
_cell.angle_alpha   90.00
_cell.angle_beta   90.00
_cell.angle_gamma   90.00
#
_symmetry.space_group_name_H-M   'I 2 2 2'
#
loop_
_entity.id
_entity.type
_entity.pdbx_description
1 polymer 'Heat shock protein HSP 90-beta'
2 non-polymer '5-{2-amino-4-chloro-7-[(4-methoxy-3,5-dimethylpyridin-2-yl)methyl]-7H-pyrrolo[2,3-d]pyrimidin-5-yl}-2-methylpent-4-yn-2 -ol'
3 water water
#
_entity_poly.entity_id   1
_entity_poly.type   'polypeptide(L)'
_entity_poly.pdbx_seq_one_letter_code
;DPTLMPEEVHHGEEEVETFAFQAEIAQLMSLIINTFYSNKEIFLRELISNASDALDKIRYESLTDPSKLDSGKELKIDII
PNPQERTLTLVDTGIGMTKADLINNLGTIAKSGTKAFMEALQAGADISMIGQFGVGFYSAYLVAEKVVVITKHNDDEQYA
WESSAGGSFTVRADHGEPIGRGTKVILHLKEDQTEYLEERRVKEVVKKHSQFIGYPITLYLEKEREKGEFNSKLGCFGG
;
_entity_poly.pdbx_strand_id   A
#
# COMPACT_ATOMS: atom_id res chain seq x y z
N GLY A 12 20.70 -11.61 -10.12
CA GLY A 12 21.47 -11.04 -11.28
C GLY A 12 20.85 -9.73 -11.79
N GLU A 13 20.05 -9.80 -12.85
CA GLU A 13 19.29 -8.63 -13.33
C GLU A 13 18.19 -8.21 -12.33
N GLU A 14 17.74 -9.20 -11.54
CA GLU A 14 16.81 -8.99 -10.46
C GLU A 14 17.58 -8.87 -9.13
N GLU A 15 18.88 -8.53 -9.21
CA GLU A 15 19.67 -8.05 -8.07
C GLU A 15 19.02 -6.96 -7.20
N VAL A 16 18.96 -7.24 -5.91
CA VAL A 16 18.42 -6.36 -4.92
C VAL A 16 19.40 -5.25 -4.46
N GLU A 17 18.90 -4.03 -4.34
CA GLU A 17 19.65 -2.98 -3.64
C GLU A 17 18.85 -2.56 -2.42
N THR A 18 19.57 -2.30 -1.33
CA THR A 18 19.05 -1.93 -0.04
C THR A 18 19.33 -0.45 0.21
N PHE A 19 18.32 0.24 0.71
CA PHE A 19 18.34 1.66 0.96
C PHE A 19 17.84 1.90 2.35
N ALA A 20 18.33 2.97 2.97
CA ALA A 20 17.79 3.50 4.22
C ALA A 20 16.56 4.38 3.98
N PHE A 21 15.54 4.24 4.86
CA PHE A 21 14.43 5.14 4.85
C PHE A 21 14.93 6.45 5.32
N GLN A 22 14.32 7.55 4.88
CA GLN A 22 14.59 8.86 5.52
C GLN A 22 14.39 8.73 7.02
N ALA A 23 15.21 9.37 7.82
CA ALA A 23 15.08 9.27 9.31
C ALA A 23 13.64 9.39 9.85
N GLU A 24 12.84 10.31 9.29
CA GLU A 24 11.53 10.68 9.80
C GLU A 24 10.55 9.53 9.57
N ILE A 25 10.70 8.94 8.39
CA ILE A 25 9.89 7.80 7.99
C ILE A 25 10.27 6.54 8.79
N ALA A 26 11.57 6.33 9.03
CA ALA A 26 11.93 5.21 9.93
C ALA A 26 11.24 5.44 11.34
N GLN A 27 11.26 6.64 11.84
CA GLN A 27 10.62 6.80 13.19
C GLN A 27 9.16 6.65 13.19
N LEU A 28 8.50 7.19 12.20
CA LEU A 28 7.10 6.93 11.98
C LEU A 28 6.81 5.44 12.00
N MET A 29 7.54 4.70 11.16
CA MET A 29 7.28 3.30 11.05
C MET A 29 7.49 2.61 12.39
N SER A 30 8.50 2.99 13.14
CA SER A 30 8.74 2.41 14.48
CA SER A 30 8.73 2.39 14.45
C SER A 30 7.55 2.65 15.42
N LEU A 31 7.00 3.87 15.37
CA LEU A 31 5.90 4.36 16.18
C LEU A 31 4.64 3.58 15.84
N ILE A 32 4.48 3.32 14.55
CA ILE A 32 3.36 2.54 14.05
CA ILE A 32 3.36 2.53 14.06
C ILE A 32 3.46 1.10 14.56
N ILE A 33 4.67 0.56 14.58
CA ILE A 33 4.90 -0.84 14.99
C ILE A 33 4.86 -1.00 16.49
N ASN A 34 5.38 -0.03 17.25
CA ASN A 34 5.53 -0.21 18.66
C ASN A 34 4.51 0.50 19.55
N THR A 35 3.71 1.45 19.04
CA THR A 35 2.66 2.07 19.89
C THR A 35 1.51 1.07 20.19
N PHE A 36 0.99 1.10 21.41
CA PHE A 36 -0.19 0.27 21.67
C PHE A 36 -1.44 0.93 21.06
N TYR A 37 -1.99 0.34 19.99
CA TYR A 37 -3.15 0.95 19.35
C TYR A 37 -4.04 -0.10 18.70
N SER A 38 -5.30 -0.18 19.14
CA SER A 38 -6.09 -1.35 18.87
C SER A 38 -6.82 -1.29 17.53
N ASN A 39 -7.15 -0.09 17.08
CA ASN A 39 -7.95 0.12 15.87
C ASN A 39 -7.10 -0.02 14.60
N LYS A 40 -6.53 -1.20 14.39
CA LYS A 40 -5.61 -1.45 13.29
C LYS A 40 -6.28 -1.44 11.89
N GLU A 41 -7.59 -1.67 11.85
CA GLU A 41 -8.29 -1.90 10.57
C GLU A 41 -8.28 -0.70 9.60
N ILE A 42 -7.88 0.46 10.12
CA ILE A 42 -7.73 1.67 9.35
C ILE A 42 -6.65 1.48 8.29
N PHE A 43 -5.81 0.47 8.40
CA PHE A 43 -4.87 0.26 7.29
C PHE A 43 -5.62 0.05 5.94
N LEU A 44 -6.81 -0.54 5.98
CA LEU A 44 -7.45 -0.95 4.72
C LEU A 44 -7.98 0.26 3.97
N ARG A 45 -8.63 1.19 4.72
CA ARG A 45 -9.07 2.44 4.17
CA ARG A 45 -9.09 2.42 4.12
C ARG A 45 -7.95 3.16 3.45
N GLU A 46 -6.75 3.18 4.06
CA GLU A 46 -5.65 3.98 3.50
C GLU A 46 -5.11 3.37 2.26
N LEU A 47 -4.99 2.05 2.23
CA LEU A 47 -4.46 1.37 1.02
C LEU A 47 -5.48 1.40 -0.08
N ILE A 48 -6.76 1.35 0.30
CA ILE A 48 -7.79 1.45 -0.68
C ILE A 48 -7.79 2.88 -1.27
N SER A 49 -7.55 3.86 -0.39
CA SER A 49 -7.58 5.24 -0.84
CA SER A 49 -7.57 5.24 -0.83
C SER A 49 -6.46 5.48 -1.84
N ASN A 50 -5.30 4.95 -1.55
CA ASN A 50 -4.17 5.04 -2.41
C ASN A 50 -4.52 4.39 -3.72
N ALA A 51 -5.15 3.23 -3.72
CA ALA A 51 -5.45 2.53 -4.99
C ALA A 51 -6.38 3.38 -5.86
N SER A 52 -7.41 3.94 -5.20
CA SER A 52 -8.33 4.86 -5.82
C SER A 52 -7.75 6.11 -6.47
N ASP A 53 -6.89 6.84 -5.77
CA ASP A 53 -6.14 7.94 -6.37
C ASP A 53 -5.28 7.49 -7.54
N ALA A 54 -4.61 6.33 -7.44
CA ALA A 54 -3.76 5.86 -8.62
C ALA A 54 -4.65 5.59 -9.82
N LEU A 55 -5.86 5.08 -9.56
CA LEU A 55 -6.79 4.76 -10.65
C LEU A 55 -7.37 6.06 -11.25
N ASP A 56 -7.69 7.02 -10.39
CA ASP A 56 -8.07 8.35 -10.84
C ASP A 56 -7.01 8.96 -11.74
N LYS A 57 -5.77 8.85 -11.33
CA LYS A 57 -4.70 9.45 -12.11
C LYS A 57 -4.59 8.85 -13.51
N ILE A 58 -4.70 7.52 -13.61
CA ILE A 58 -4.52 6.86 -14.92
C ILE A 58 -5.73 7.17 -15.78
N ARG A 59 -6.90 7.21 -15.17
CA ARG A 59 -8.12 7.58 -15.91
C ARG A 59 -8.04 8.98 -16.46
N TYR A 60 -7.59 9.90 -15.62
CA TYR A 60 -7.47 11.28 -16.05
C TYR A 60 -6.47 11.42 -17.20
N GLU A 61 -5.31 10.79 -17.07
CA GLU A 61 -4.25 10.87 -18.12
C GLU A 61 -4.73 10.19 -19.44
N SER A 62 -5.47 9.10 -19.31
CA SER A 62 -6.02 8.36 -20.46
C SER A 62 -6.97 9.22 -21.33
N LEU A 63 -7.57 10.27 -20.72
CA LEU A 63 -8.46 11.20 -21.46
C LEU A 63 -7.71 11.99 -22.51
N THR A 64 -6.54 12.49 -22.12
CA THR A 64 -5.64 13.20 -23.04
C THR A 64 -5.07 12.17 -24.00
N ASP A 65 -4.38 11.16 -23.47
CA ASP A 65 -3.70 10.13 -24.31
C ASP A 65 -4.24 8.72 -24.07
N PRO A 66 -5.19 8.28 -24.92
CA PRO A 66 -5.84 6.97 -24.68
C PRO A 66 -4.92 5.71 -24.78
N SER A 67 -3.80 5.81 -25.49
CA SER A 67 -2.86 4.70 -25.59
C SER A 67 -2.28 4.32 -24.20
N LYS A 68 -2.43 5.21 -23.21
CA LYS A 68 -2.05 4.88 -21.84
C LYS A 68 -2.82 3.69 -21.25
N LEU A 69 -3.92 3.29 -21.85
CA LEU A 69 -4.68 2.12 -21.36
C LEU A 69 -4.40 0.82 -22.14
N ASP A 70 -3.48 0.87 -23.10
CA ASP A 70 -3.04 -0.33 -23.85
C ASP A 70 -2.48 -1.41 -22.94
N SER A 71 -1.97 -0.99 -21.80
CA SER A 71 -1.45 -1.93 -20.81
C SER A 71 -2.58 -2.53 -19.94
N GLY A 72 -3.83 -2.27 -20.30
CA GLY A 72 -5.03 -2.82 -19.59
C GLY A 72 -6.12 -1.74 -19.39
N LYS A 73 -7.28 -2.00 -19.96
CA LYS A 73 -8.39 -1.06 -19.97
C LYS A 73 -9.09 -1.03 -18.62
N GLU A 74 -9.09 -2.16 -17.93
CA GLU A 74 -9.96 -2.29 -16.77
C GLU A 74 -9.43 -1.52 -15.57
N LEU A 75 -10.26 -0.74 -14.90
CA LEU A 75 -9.84 0.03 -13.74
C LEU A 75 -10.52 -0.56 -12.50
N LYS A 76 -9.76 -1.24 -11.66
CA LYS A 76 -10.35 -2.02 -10.57
C LYS A 76 -9.39 -2.23 -9.42
N ILE A 77 -9.97 -2.67 -8.31
CA ILE A 77 -9.28 -3.08 -7.11
C ILE A 77 -9.74 -4.48 -6.70
N ASP A 78 -8.79 -5.40 -6.46
CA ASP A 78 -9.06 -6.76 -5.95
C ASP A 78 -8.40 -6.85 -4.60
N ILE A 79 -9.13 -7.41 -3.65
CA ILE A 79 -8.60 -7.71 -2.33
C ILE A 79 -8.67 -9.21 -2.04
N ILE A 80 -7.49 -9.79 -1.80
CA ILE A 80 -7.26 -11.21 -1.86
C ILE A 80 -6.62 -11.72 -0.56
N PRO A 81 -7.40 -12.38 0.30
CA PRO A 81 -6.88 -12.95 1.56
C PRO A 81 -6.43 -14.38 1.36
N ASN A 82 -5.20 -14.69 1.73
CA ASN A 82 -4.69 -16.08 1.70
C ASN A 82 -4.16 -16.59 3.06
N PRO A 83 -4.99 -17.38 3.79
CA PRO A 83 -4.62 -17.86 5.13
C PRO A 83 -3.37 -18.72 5.18
N GLN A 84 -3.19 -19.61 4.21
CA GLN A 84 -2.05 -20.50 4.21
C GLN A 84 -0.71 -19.75 3.99
N GLU A 85 -0.74 -18.68 3.22
CA GLU A 85 0.47 -17.85 3.02
C GLU A 85 0.52 -16.68 4.03
N ARG A 86 -0.55 -16.49 4.82
CA ARG A 86 -0.71 -15.34 5.74
C ARG A 86 -0.49 -13.97 5.07
N THR A 87 -1.11 -13.83 3.90
CA THR A 87 -1.03 -12.61 3.11
C THR A 87 -2.40 -12.12 2.79
N LEU A 88 -2.48 -10.80 2.74
CA LEU A 88 -3.63 -10.10 2.23
C LEU A 88 -3.08 -9.21 1.12
N THR A 89 -3.66 -9.29 -0.05
CA THR A 89 -3.10 -8.52 -1.16
C THR A 89 -4.12 -7.60 -1.67
N LEU A 90 -3.66 -6.38 -1.98
CA LEU A 90 -4.48 -5.40 -2.66
C LEU A 90 -3.83 -5.02 -3.95
N VAL A 91 -4.56 -5.25 -5.03
CA VAL A 91 -4.06 -5.16 -6.39
C VAL A 91 -4.98 -4.10 -7.01
N ASP A 92 -4.39 -3.06 -7.61
CA ASP A 92 -5.11 -2.07 -8.41
C ASP A 92 -4.51 -1.98 -9.79
N THR A 93 -5.30 -1.55 -10.77
CA THR A 93 -4.79 -1.36 -12.13
C THR A 93 -4.55 0.15 -12.39
N GLY A 94 -4.06 0.82 -11.34
CA GLY A 94 -3.77 2.24 -11.37
C GLY A 94 -2.57 2.64 -12.23
N ILE A 95 -2.06 3.83 -11.94
CA ILE A 95 -0.96 4.42 -12.73
C ILE A 95 0.41 3.71 -12.51
N GLY A 96 0.56 3.09 -11.36
CA GLY A 96 1.83 2.50 -11.00
C GLY A 96 2.93 3.49 -10.56
N MET A 97 4.04 2.96 -10.12
CA MET A 97 5.17 3.71 -9.55
C MET A 97 6.44 3.45 -10.39
N THR A 98 7.15 4.50 -10.69
CA THR A 98 8.45 4.36 -11.29
C THR A 98 9.59 4.00 -10.24
N LYS A 99 10.77 3.60 -10.73
CA LYS A 99 11.91 3.31 -9.85
C LYS A 99 12.26 4.54 -9.00
N ALA A 100 12.30 5.72 -9.65
CA ALA A 100 12.55 6.98 -8.92
C ALA A 100 11.53 7.20 -7.79
N ASP A 101 10.26 6.86 -8.04
CA ASP A 101 9.19 7.02 -7.04
C ASP A 101 9.53 6.20 -5.84
N LEU A 102 9.83 4.91 -6.05
CA LEU A 102 10.12 3.97 -5.00
C LEU A 102 11.39 4.27 -4.21
N ILE A 103 12.48 4.62 -4.87
CA ILE A 103 13.75 4.87 -4.18
C ILE A 103 13.82 6.29 -3.52
N ASN A 104 13.39 7.32 -4.27
CA ASN A 104 13.62 8.72 -3.93
C ASN A 104 12.34 9.52 -3.60
N ASN A 105 11.37 9.56 -4.51
CA ASN A 105 10.35 10.64 -4.51
C ASN A 105 9.26 10.50 -3.46
N LEU A 106 8.74 9.30 -3.30
CA LEU A 106 7.80 8.99 -2.25
C LEU A 106 8.35 9.27 -0.86
N GLY A 107 9.62 8.99 -0.64
CA GLY A 107 10.22 9.23 0.66
C GLY A 107 10.40 10.71 0.87
N THR A 108 10.91 11.36 -0.18
CA THR A 108 11.13 12.78 -0.15
C THR A 108 9.85 13.50 0.13
N ILE A 109 8.80 13.22 -0.62
CA ILE A 109 7.53 13.89 -0.41
CA ILE A 109 7.55 13.93 -0.40
C ILE A 109 6.98 13.66 1.01
N ALA A 110 7.00 12.42 1.46
CA ALA A 110 6.47 12.04 2.79
C ALA A 110 7.19 12.64 4.03
N LYS A 111 8.35 13.27 3.88
CA LYS A 111 9.04 13.81 5.13
C LYS A 111 8.27 14.77 5.96
N SER A 112 7.72 15.80 5.30
CA SER A 112 6.94 16.81 5.98
C SER A 112 5.65 16.24 6.59
N GLY A 113 4.98 15.30 5.90
CA GLY A 113 3.72 14.75 6.35
C GLY A 113 3.96 13.96 7.62
N THR A 114 5.02 13.17 7.56
CA THR A 114 5.53 12.38 8.66
C THR A 114 5.90 13.20 9.88
N LYS A 115 6.68 14.25 9.66
CA LYS A 115 7.00 15.19 10.72
C LYS A 115 5.73 15.87 11.33
N ALA A 116 4.81 16.41 10.49
CA ALA A 116 3.53 16.96 11.05
C ALA A 116 2.71 15.88 11.76
N PHE A 117 2.67 14.68 11.23
CA PHE A 117 1.82 13.65 11.86
C PHE A 117 2.30 13.38 13.30
N MET A 118 3.61 13.24 13.40
CA MET A 118 4.24 12.97 14.70
C MET A 118 4.06 14.13 15.66
N GLU A 119 4.19 15.36 15.15
CA GLU A 119 3.86 16.50 15.99
C GLU A 119 2.39 16.39 16.43
N ALA A 120 1.51 16.06 15.50
CA ALA A 120 0.08 16.06 15.83
C ALA A 120 -0.19 14.97 16.87
N LEU A 121 0.45 13.80 16.73
CA LEU A 121 0.35 12.74 17.75
C LEU A 121 0.78 13.22 19.13
N GLN A 122 1.92 13.89 19.24
CA GLN A 122 2.36 14.48 20.51
C GLN A 122 1.26 15.30 21.15
N ALA A 123 0.54 16.06 20.31
CA ALA A 123 -0.48 16.98 20.77
C ALA A 123 -1.87 16.29 20.81
N GLY A 124 -1.92 14.95 20.87
CA GLY A 124 -3.17 14.25 21.17
C GLY A 124 -4.07 13.87 20.00
N ALA A 125 -3.57 13.95 18.75
CA ALA A 125 -4.22 13.30 17.59
C ALA A 125 -4.09 11.79 17.74
N ASP A 126 -4.85 11.04 16.95
CA ASP A 126 -4.69 9.61 16.99
C ASP A 126 -4.17 9.05 15.64
N ILE A 127 -3.74 7.79 15.68
CA ILE A 127 -3.10 7.12 14.52
C ILE A 127 -4.06 6.96 13.36
N SER A 128 -5.36 6.84 13.64
CA SER A 128 -6.43 6.83 12.61
C SER A 128 -6.39 8.05 11.72
N MET A 129 -5.75 9.13 12.16
CA MET A 129 -5.68 10.36 11.34
C MET A 129 -4.50 10.40 10.36
N ILE A 130 -3.76 9.31 10.25
CA ILE A 130 -2.56 9.26 9.37
C ILE A 130 -2.84 9.73 7.93
N GLY A 131 -4.01 9.41 7.42
CA GLY A 131 -4.40 9.77 6.06
C GLY A 131 -4.46 11.25 5.75
N GLN A 132 -4.86 12.08 6.74
CA GLN A 132 -4.84 13.57 6.61
C GLN A 132 -3.46 14.14 6.37
N PHE A 133 -2.41 13.31 6.48
CA PHE A 133 -1.03 13.82 6.46
C PHE A 133 -0.28 13.27 5.28
N GLY A 134 -0.99 12.49 4.45
CA GLY A 134 -0.46 11.99 3.20
C GLY A 134 0.42 10.76 3.30
N VAL A 135 0.38 10.05 4.43
CA VAL A 135 1.33 9.01 4.74
C VAL A 135 0.67 7.68 5.20
N GLY A 136 -0.55 7.43 4.73
CA GLY A 136 -1.28 6.27 5.16
C GLY A 136 -0.77 4.94 4.75
N PHE A 137 0.05 4.91 3.69
CA PHE A 137 0.70 3.71 3.29
C PHE A 137 1.36 2.99 4.45
N TYR A 138 2.06 3.74 5.30
CA TYR A 138 2.82 3.13 6.39
C TYR A 138 1.93 2.55 7.48
N SER A 139 0.62 2.80 7.47
CA SER A 139 -0.32 2.10 8.41
C SER A 139 -0.45 0.61 8.08
N ALA A 140 0.05 0.21 6.90
CA ALA A 140 0.25 -1.22 6.58
C ALA A 140 0.98 -1.93 7.73
N TYR A 141 1.95 -1.27 8.36
CA TYR A 141 2.69 -1.94 9.42
C TYR A 141 1.98 -2.06 10.79
N LEU A 142 0.73 -1.66 10.82
CA LEU A 142 -0.10 -1.93 11.98
C LEU A 142 -0.38 -3.40 12.00
N VAL A 143 -0.51 -4.01 10.82
CA VAL A 143 -0.88 -5.41 10.73
C VAL A 143 0.20 -6.30 10.03
N ALA A 144 1.10 -5.71 9.26
CA ALA A 144 2.03 -6.50 8.42
C ALA A 144 3.42 -6.49 9.06
N GLU A 145 4.07 -7.66 9.15
CA GLU A 145 5.50 -7.74 9.53
C GLU A 145 6.39 -7.41 8.35
N LYS A 146 5.86 -7.61 7.15
CA LYS A 146 6.62 -7.38 5.93
C LYS A 146 5.62 -6.98 4.87
N VAL A 147 6.03 -6.03 4.02
CA VAL A 147 5.16 -5.60 2.95
C VAL A 147 5.99 -5.67 1.68
N VAL A 148 5.40 -6.25 0.66
CA VAL A 148 5.95 -6.32 -0.68
C VAL A 148 5.05 -5.57 -1.60
N VAL A 149 5.65 -4.74 -2.42
CA VAL A 149 4.89 -3.94 -3.38
C VAL A 149 5.44 -4.29 -4.74
N ILE A 150 4.57 -4.78 -5.62
CA ILE A 150 4.98 -5.01 -6.98
C ILE A 150 4.32 -3.88 -7.76
N THR A 151 5.03 -3.25 -8.71
CA THR A 151 4.47 -2.11 -9.39
C THR A 151 5.00 -1.97 -10.81
N LYS A 152 4.16 -1.44 -11.68
CA LYS A 152 4.43 -1.30 -13.14
C LYS A 152 3.70 -0.04 -13.66
N HIS A 153 4.50 0.93 -14.04
CA HIS A 153 4.05 2.20 -14.61
C HIS A 153 4.31 2.15 -16.09
N ASN A 154 3.50 2.81 -16.91
CA ASN A 154 3.76 2.79 -18.38
C ASN A 154 5.12 3.37 -18.66
N ASP A 155 5.79 2.77 -19.64
CA ASP A 155 7.15 3.13 -20.10
C ASP A 155 8.26 2.97 -19.04
N ASP A 156 7.98 2.29 -17.92
CA ASP A 156 9.04 1.85 -17.02
C ASP A 156 8.84 0.32 -16.93
N GLU A 157 9.82 -0.35 -16.36
CA GLU A 157 9.69 -1.79 -16.20
C GLU A 157 9.11 -2.10 -14.83
N GLN A 158 8.81 -3.35 -14.56
CA GLN A 158 8.16 -3.78 -13.32
C GLN A 158 9.16 -3.91 -12.21
N TYR A 159 8.82 -3.46 -11.02
CA TYR A 159 9.74 -3.44 -9.90
C TYR A 159 9.08 -4.13 -8.71
N ALA A 160 9.91 -4.64 -7.78
CA ALA A 160 9.43 -5.12 -6.47
C ALA A 160 10.13 -4.31 -5.39
N TRP A 161 9.33 -3.74 -4.46
CA TRP A 161 9.84 -3.00 -3.29
C TRP A 161 9.47 -3.89 -2.16
N GLU A 162 10.32 -4.03 -1.16
CA GLU A 162 10.00 -4.79 0.02
C GLU A 162 10.60 -4.10 1.25
N SER A 163 9.91 -4.21 2.40
CA SER A 163 10.46 -3.82 3.65
C SER A 163 9.79 -4.53 4.79
N SER A 164 10.61 -4.90 5.77
CA SER A 164 10.20 -5.42 7.06
C SER A 164 10.57 -4.37 8.10
N ALA A 165 10.49 -3.10 7.73
CA ALA A 165 10.86 -2.04 8.66
C ALA A 165 12.28 -2.25 9.13
N GLY A 166 12.57 -1.87 10.37
CA GLY A 166 13.95 -1.83 10.85
C GLY A 166 14.82 -0.80 10.13
N GLY A 167 14.23 0.15 9.45
CA GLY A 167 14.98 1.26 8.85
C GLY A 167 15.39 1.16 7.38
N SER A 168 15.05 0.08 6.68
CA SER A 168 15.50 -0.13 5.29
C SER A 168 14.49 -0.82 4.41
N PHE A 169 14.71 -0.67 3.11
CA PHE A 169 13.83 -1.22 2.12
C PHE A 169 14.76 -1.64 1.02
N THR A 170 14.28 -2.60 0.25
CA THR A 170 14.95 -3.05 -0.96
C THR A 170 14.06 -2.77 -2.19
N VAL A 171 14.76 -2.55 -3.30
CA VAL A 171 14.16 -2.35 -4.62
C VAL A 171 14.93 -3.24 -5.62
N ARG A 172 14.16 -4.01 -6.39
CA ARG A 172 14.77 -4.76 -7.53
C ARG A 172 13.86 -4.81 -8.77
N ALA A 173 14.45 -5.01 -9.94
CA ALA A 173 13.64 -5.33 -11.13
C ALA A 173 12.92 -6.60 -10.83
N ASP A 174 11.70 -6.72 -11.27
CA ASP A 174 10.91 -7.93 -11.06
C ASP A 174 10.52 -8.58 -12.35
N HIS A 175 11.11 -9.73 -12.66
CA HIS A 175 10.78 -10.49 -13.87
C HIS A 175 9.89 -11.66 -13.52
N GLY A 176 9.20 -11.65 -12.39
CA GLY A 176 8.09 -12.60 -12.14
C GLY A 176 6.89 -12.21 -13.02
N GLU A 177 5.68 -12.65 -12.62
CA GLU A 177 4.51 -12.50 -13.49
C GLU A 177 4.13 -11.02 -13.78
N PRO A 178 3.94 -10.66 -15.06
CA PRO A 178 3.62 -9.27 -15.44
C PRO A 178 2.30 -8.84 -14.85
N ILE A 179 2.23 -7.66 -14.25
CA ILE A 179 0.92 -7.12 -13.86
C ILE A 179 0.33 -6.21 -14.91
N GLY A 180 1.05 -5.94 -15.99
CA GLY A 180 0.57 -5.09 -17.10
C GLY A 180 0.71 -3.61 -16.76
N ARG A 181 0.01 -3.18 -15.69
CA ARG A 181 0.13 -1.83 -15.14
C ARG A 181 -0.56 -1.78 -13.75
N GLY A 182 0.03 -1.13 -12.79
CA GLY A 182 -0.59 -0.96 -11.52
C GLY A 182 0.34 -1.26 -10.36
N THR A 183 -0.29 -1.56 -9.23
CA THR A 183 0.40 -1.85 -8.01
C THR A 183 -0.27 -3.02 -7.28
N LYS A 184 0.56 -3.91 -6.74
CA LYS A 184 0.11 -5.01 -5.89
C LYS A 184 0.87 -4.89 -4.54
N VAL A 185 0.10 -4.61 -3.48
CA VAL A 185 0.60 -4.46 -2.16
C VAL A 185 0.31 -5.74 -1.43
N ILE A 186 1.36 -6.46 -1.08
CA ILE A 186 1.28 -7.76 -0.44
C ILE A 186 1.64 -7.63 1.04
N LEU A 187 0.61 -7.78 1.87
CA LEU A 187 0.73 -7.67 3.32
C LEU A 187 0.95 -9.05 3.92
N HIS A 188 2.15 -9.23 4.44
CA HIS A 188 2.55 -10.45 5.15
C HIS A 188 2.16 -10.22 6.59
N LEU A 189 1.06 -10.81 7.03
CA LEU A 189 0.46 -10.39 8.33
C LEU A 189 1.15 -10.93 9.53
N LYS A 190 1.11 -10.16 10.62
CA LYS A 190 1.63 -10.62 11.90
C LYS A 190 0.71 -11.70 12.43
N GLU A 191 1.27 -12.53 13.28
CA GLU A 191 0.60 -13.71 13.84
C GLU A 191 -0.72 -13.31 14.55
N ASP A 192 -0.73 -12.16 15.20
CA ASP A 192 -1.89 -11.68 15.97
C ASP A 192 -3.03 -11.11 15.09
N GLN A 193 -2.76 -10.92 13.80
CA GLN A 193 -3.65 -10.17 12.90
C GLN A 193 -4.32 -11.00 11.80
N THR A 194 -4.57 -12.25 12.07
CA THR A 194 -5.11 -13.14 11.04
C THR A 194 -6.63 -12.98 10.76
N GLU A 195 -7.30 -12.13 11.55
CA GLU A 195 -8.70 -11.84 11.27
C GLU A 195 -8.83 -11.23 9.88
N TYR A 196 -7.82 -10.48 9.46
CA TYR A 196 -7.80 -9.85 8.14
C TYR A 196 -7.59 -10.78 6.97
N LEU A 197 -7.52 -12.09 7.22
CA LEU A 197 -7.39 -13.11 6.18
C LEU A 197 -8.75 -13.77 5.97
N GLU A 198 -9.79 -13.18 6.52
CA GLU A 198 -11.16 -13.65 6.30
C GLU A 198 -11.97 -12.60 5.59
N GLU A 199 -12.70 -13.04 4.58
CA GLU A 199 -13.37 -12.12 3.67
C GLU A 199 -14.45 -11.38 4.44
N ARG A 200 -15.13 -12.09 5.31
CA ARG A 200 -16.12 -11.49 6.18
C ARG A 200 -15.61 -10.33 7.03
N ARG A 201 -14.41 -10.42 7.56
CA ARG A 201 -13.80 -9.31 8.28
C ARG A 201 -13.45 -8.21 7.29
N VAL A 202 -12.85 -8.56 6.16
CA VAL A 202 -12.44 -7.56 5.15
C VAL A 202 -13.66 -6.82 4.66
N LYS A 203 -14.75 -7.56 4.40
CA LYS A 203 -16.01 -6.97 3.96
C LYS A 203 -16.56 -5.99 4.97
N GLU A 204 -16.52 -6.36 6.24
CA GLU A 204 -17.05 -5.48 7.28
C GLU A 204 -16.22 -4.17 7.32
N VAL A 205 -14.92 -4.24 7.09
CA VAL A 205 -14.10 -3.03 7.15
C VAL A 205 -14.32 -2.16 5.88
N VAL A 206 -14.44 -2.79 4.74
CA VAL A 206 -14.69 -2.05 3.48
C VAL A 206 -16.04 -1.33 3.53
N LYS A 207 -17.06 -1.96 4.08
CA LYS A 207 -18.39 -1.34 4.16
CA LYS A 207 -18.36 -1.29 4.12
C LYS A 207 -18.40 -0.14 5.13
N LYS A 208 -17.76 -0.34 6.27
CA LYS A 208 -17.63 0.73 7.27
C LYS A 208 -16.94 1.95 6.65
N HIS A 209 -15.80 1.75 6.03
CA HIS A 209 -14.90 2.86 5.64
C HIS A 209 -14.69 3.19 4.14
N SER A 210 -15.04 2.33 3.20
CA SER A 210 -14.69 2.55 1.79
C SER A 210 -15.82 2.17 0.83
N GLN A 211 -17.03 2.34 1.30
CA GLN A 211 -18.20 1.90 0.53
C GLN A 211 -18.37 2.70 -0.72
N PHE A 212 -17.95 3.97 -0.74
CA PHE A 212 -18.23 4.86 -1.91
C PHE A 212 -17.10 5.04 -2.95
N ILE A 213 -16.01 4.34 -2.79
CA ILE A 213 -14.97 4.31 -3.82
C ILE A 213 -15.52 4.08 -5.23
N GLY A 214 -15.05 4.89 -6.19
CA GLY A 214 -15.65 4.92 -7.51
C GLY A 214 -15.02 3.89 -8.43
N TYR A 215 -14.57 2.76 -7.90
CA TYR A 215 -14.07 1.65 -8.73
C TYR A 215 -14.62 0.36 -8.15
N PRO A 216 -14.78 -0.68 -8.99
CA PRO A 216 -15.25 -1.94 -8.41
C PRO A 216 -14.17 -2.60 -7.54
N ILE A 217 -14.53 -2.96 -6.33
CA ILE A 217 -13.60 -3.59 -5.43
C ILE A 217 -14.11 -5.00 -5.33
N THR A 218 -13.34 -5.97 -5.85
CA THR A 218 -13.75 -7.37 -5.64
C THR A 218 -13.00 -7.90 -4.42
N LEU A 219 -13.79 -8.32 -3.43
CA LEU A 219 -13.31 -9.09 -2.27
C LEU A 219 -13.34 -10.60 -2.50
N TYR A 220 -12.18 -11.19 -2.68
CA TYR A 220 -12.11 -12.58 -2.87
C TYR A 220 -12.39 -13.36 -1.56
N LEU A 221 -12.95 -14.53 -1.73
CA LEU A 221 -13.25 -15.45 -0.63
C LEU A 221 -12.05 -16.39 -0.54
N GLU A 222 -11.60 -16.56 0.68
CA GLU A 222 -10.58 -17.52 0.99
C GLU A 222 -11.11 -18.91 0.58
N LYS A 223 -10.26 -19.71 -0.07
CA LYS A 223 -10.67 -21.06 -0.46
C LYS A 223 -10.79 -22.02 0.74
N GLU A 224 -9.99 -21.78 1.77
CA GLU A 224 -10.05 -22.51 3.05
C GLU A 224 -9.59 -21.56 4.18
N ARG A 225 -10.12 -21.75 5.39
CA ARG A 225 -9.70 -20.96 6.59
C ARG A 225 -8.63 -21.65 7.44
#